data_4QGY
#
_entry.id   4QGY
#
_cell.length_a   51.980
_cell.length_b   70.950
_cell.length_c   145.660
_cell.angle_alpha   90.00
_cell.angle_beta   90.00
_cell.angle_gamma   90.00
#
_symmetry.space_group_name_H-M   'C 2 2 21'
#
loop_
_entity.id
_entity.type
_entity.pdbx_description
1 polymer 'nanobody n25, VH domain'
2 water water
#
_entity_poly.entity_id   1
_entity_poly.type   'polypeptide(L)'
_entity_poly.pdbx_seq_one_letter_code
;QVQLVESGGGLVQAGGSLRLSCAASGFTFEDYAIGWFRQAPGKEREGVSCISNLDGSTYYPDSVKGRFTASSDKAKNMVY
LQMNSLKPEDTAVYYCAAVNAQGIYCTDYIIGPYGMDYWGKGTQVTVSSHHHHHH
;
_entity_poly.pdbx_strand_id   A,B
#
# COMPACT_ATOMS: atom_id res chain seq x y z
N GLN A 1 29.98 -2.65 -8.20
CA GLN A 1 29.41 -3.18 -6.98
C GLN A 1 27.92 -3.34 -7.14
N VAL A 2 27.37 -4.36 -6.51
CA VAL A 2 25.94 -4.63 -6.56
C VAL A 2 25.29 -4.17 -5.28
N GLN A 3 24.11 -3.54 -5.41
CA GLN A 3 23.34 -3.15 -4.25
C GLN A 3 21.89 -3.51 -4.49
N LEU A 4 21.21 -4.00 -3.43
CA LEU A 4 19.76 -4.21 -3.40
C LEU A 4 19.28 -3.47 -2.16
N VAL A 5 18.37 -2.50 -2.35
CA VAL A 5 17.91 -1.68 -1.23
C VAL A 5 16.41 -1.79 -1.10
N GLU A 6 15.93 -2.30 0.03
CA GLU A 6 14.50 -2.40 0.28
C GLU A 6 14.01 -1.12 0.92
N SER A 7 12.79 -0.72 0.57
CA SER A 7 12.14 0.40 1.24
C SER A 7 10.65 0.11 1.25
N GLY A 8 9.89 0.94 1.96
CA GLY A 8 8.45 0.84 1.98
C GLY A 8 7.88 0.14 3.18
N GLY A 9 8.75 -0.29 4.09
CA GLY A 9 8.30 -0.94 5.31
C GLY A 9 7.57 0.02 6.22
N GLY A 10 7.01 -0.53 7.26
CA GLY A 10 6.31 0.29 8.23
C GLY A 10 5.45 -0.53 9.14
N LEU A 11 4.63 0.15 9.91
CA LEU A 11 3.70 -0.44 10.86
C LEU A 11 2.32 -0.09 10.34
N VAL A 12 1.49 -1.08 10.07
CA VAL A 12 0.21 -0.82 9.45
C VAL A 12 -0.88 -1.59 10.16
N GLN A 13 -2.08 -1.04 10.09
CA GLN A 13 -3.24 -1.70 10.65
C GLN A 13 -3.53 -3.03 9.93
N ALA A 14 -3.90 -4.06 10.70
CA ALA A 14 -4.33 -5.32 10.10
C ALA A 14 -5.46 -5.08 9.09
N GLY A 15 -5.35 -5.72 7.93
CA GLY A 15 -6.28 -5.57 6.82
C GLY A 15 -5.80 -4.53 5.82
N GLY A 16 -4.83 -3.72 6.22
CA GLY A 16 -4.27 -2.67 5.38
C GLY A 16 -3.26 -3.19 4.39
N SER A 17 -2.59 -2.25 3.71
CA SER A 17 -1.63 -2.57 2.65
C SER A 17 -0.33 -1.81 2.81
N LEU A 18 0.70 -2.38 2.19
CA LEU A 18 1.98 -1.72 2.07
C LEU A 18 2.51 -2.02 0.67
N ARG A 19 3.50 -1.26 0.19
CA ARG A 19 4.15 -1.61 -1.07
C ARG A 19 5.65 -1.53 -0.82
N LEU A 20 6.30 -2.68 -0.88
CA LEU A 20 7.73 -2.67 -0.70
C LEU A 20 8.38 -2.45 -2.03
N SER A 21 9.54 -1.82 -2.03
CA SER A 21 10.29 -1.68 -3.26
CA SER A 21 10.34 -1.56 -3.23
C SER A 21 11.71 -2.18 -3.04
N CYS A 22 12.27 -2.74 -4.11
CA CYS A 22 13.63 -3.27 -4.11
C CYS A 22 14.34 -2.52 -5.24
N ALA A 23 15.28 -1.64 -4.88
CA ALA A 23 16.04 -0.85 -5.84
C ALA A 23 17.32 -1.60 -6.14
N ALA A 24 17.51 -2.02 -7.41
CA ALA A 24 18.69 -2.77 -7.76
C ALA A 24 19.64 -1.95 -8.58
N SER A 25 20.92 -2.22 -8.42
CA SER A 25 21.93 -1.56 -9.24
C SER A 25 23.20 -2.40 -9.30
N GLY A 26 23.94 -2.25 -10.40
CA GLY A 26 25.23 -2.91 -10.52
C GLY A 26 25.27 -4.23 -11.25
N PHE A 27 24.12 -4.70 -11.71
CA PHE A 27 23.99 -5.92 -12.49
C PHE A 27 22.94 -5.72 -13.55
N THR A 28 23.04 -6.49 -14.63
CA THR A 28 22.12 -6.37 -15.77
C THR A 28 20.77 -6.88 -15.28
N PHE A 29 19.90 -5.94 -14.94
CA PHE A 29 18.57 -6.21 -14.36
C PHE A 29 17.77 -7.28 -15.07
N GLU A 30 17.70 -7.20 -16.41
CA GLU A 30 16.87 -8.12 -17.19
C GLU A 30 17.33 -9.55 -17.19
N ASP A 31 18.58 -9.82 -16.75
CA ASP A 31 19.13 -11.18 -16.71
C ASP A 31 18.79 -11.89 -15.41
N TYR A 32 18.12 -11.21 -14.46
CA TYR A 32 17.92 -11.75 -13.13
C TYR A 32 16.49 -11.93 -12.73
N ALA A 33 16.29 -12.79 -11.74
CA ALA A 33 15.01 -12.96 -11.07
C ALA A 33 15.18 -12.32 -9.72
N ILE A 34 14.13 -11.65 -9.23
CA ILE A 34 14.16 -11.03 -7.92
C ILE A 34 13.17 -11.75 -7.02
N GLY A 35 13.66 -12.19 -5.87
CA GLY A 35 12.80 -12.81 -4.88
C GLY A 35 12.60 -11.91 -3.66
N TRP A 36 11.42 -11.99 -3.06
CA TRP A 36 11.16 -11.36 -1.78
C TRP A 36 11.09 -12.47 -0.76
N PHE A 37 11.70 -12.25 0.39
CA PHE A 37 11.79 -13.21 1.48
C PHE A 37 11.42 -12.52 2.77
N ARG A 38 11.04 -13.28 3.78
CA ARG A 38 10.76 -12.69 5.07
C ARG A 38 11.25 -13.59 6.18
N GLN A 39 11.63 -12.98 7.30
CA GLN A 39 12.01 -13.75 8.48
C GLN A 39 11.48 -13.08 9.70
N ALA A 40 10.67 -13.83 10.47
CA ALA A 40 10.18 -13.35 11.75
C ALA A 40 11.01 -13.99 12.84
N PRO A 41 11.26 -13.32 13.99
CA PRO A 41 12.07 -13.94 15.06
C PRO A 41 11.44 -15.24 15.57
N GLY A 42 12.22 -16.31 15.55
CA GLY A 42 11.72 -17.61 15.98
C GLY A 42 11.38 -18.54 14.83
N LYS A 43 11.37 -17.98 13.59
CA LYS A 43 11.06 -18.76 12.39
C LYS A 43 12.21 -18.74 11.39
N GLU A 44 12.18 -19.70 10.45
CA GLU A 44 13.13 -19.73 9.37
C GLU A 44 12.72 -18.70 8.31
N ARG A 45 13.71 -18.21 7.56
CA ARG A 45 13.48 -17.31 6.45
C ARG A 45 12.68 -18.07 5.39
N GLU A 46 11.74 -17.38 4.75
CA GLU A 46 10.95 -18.01 3.72
C GLU A 46 10.70 -17.08 2.55
N GLY A 47 10.60 -17.70 1.39
CA GLY A 47 10.31 -16.95 0.18
C GLY A 47 8.84 -16.59 0.09
N VAL A 48 8.56 -15.33 -0.27
CA VAL A 48 7.16 -14.89 -0.43
C VAL A 48 6.82 -14.52 -1.87
N SER A 49 7.83 -14.23 -2.71
CA SER A 49 7.54 -13.98 -4.12
C SER A 49 8.76 -14.16 -4.97
N CYS A 50 8.53 -14.45 -6.26
CA CYS A 50 9.57 -14.54 -7.26
C CYS A 50 9.06 -13.83 -8.49
N ILE A 51 9.91 -13.04 -9.16
CA ILE A 51 9.58 -12.49 -10.46
C ILE A 51 10.82 -12.57 -11.32
N SER A 52 10.70 -13.12 -12.55
CA SER A 52 11.84 -13.15 -13.43
C SER A 52 11.81 -11.93 -14.34
N ASN A 53 12.88 -11.15 -14.40
CA ASN A 53 12.93 -10.02 -15.33
C ASN A 53 13.23 -10.54 -16.73
N LEU A 54 13.64 -11.79 -16.87
CA LEU A 54 14.00 -12.39 -18.15
C LEU A 54 12.80 -12.97 -18.90
N ASP A 55 11.90 -13.71 -18.22
CA ASP A 55 10.75 -14.32 -18.87
C ASP A 55 9.37 -13.90 -18.32
N GLY A 56 9.35 -13.06 -17.29
CA GLY A 56 8.13 -12.54 -16.67
C GLY A 56 7.40 -13.52 -15.76
N SER A 57 7.97 -14.73 -15.56
CA SER A 57 7.34 -15.71 -14.70
C SER A 57 7.29 -15.21 -13.25
N THR A 58 6.28 -15.64 -12.51
CA THR A 58 6.13 -15.27 -11.10
C THR A 58 5.73 -16.49 -10.32
N TYR A 59 5.99 -16.45 -9.00
CA TYR A 59 5.56 -17.50 -8.10
C TYR A 59 5.26 -16.90 -6.75
N TYR A 60 4.20 -17.41 -6.09
CA TYR A 60 3.88 -17.02 -4.73
C TYR A 60 3.46 -18.25 -3.95
N PRO A 61 3.92 -18.41 -2.70
CA PRO A 61 3.42 -19.53 -1.88
C PRO A 61 1.97 -19.31 -1.49
N ASP A 62 1.26 -20.38 -1.12
CA ASP A 62 -0.15 -20.27 -0.76
C ASP A 62 -0.44 -19.32 0.40
N SER A 63 0.54 -19.13 1.30
CA SER A 63 0.41 -18.22 2.45
C SER A 63 0.09 -16.78 2.02
N VAL A 64 0.55 -16.36 0.83
CA VAL A 64 0.38 -14.97 0.37
C VAL A 64 -0.29 -14.84 -0.98
N LYS A 65 -0.43 -15.96 -1.72
CA LYS A 65 -1.02 -15.91 -3.06
C LYS A 65 -2.40 -15.23 -3.03
N GLY A 66 -2.61 -14.30 -3.94
CA GLY A 66 -3.85 -13.52 -3.99
C GLY A 66 -3.77 -12.21 -3.22
N ARG A 67 -2.93 -12.16 -2.18
CA ARG A 67 -2.77 -10.97 -1.36
C ARG A 67 -1.55 -10.14 -1.81
N PHE A 68 -0.47 -10.83 -2.17
CA PHE A 68 0.77 -10.15 -2.56
C PHE A 68 1.01 -10.29 -4.04
N THR A 69 1.48 -9.22 -4.69
CA THR A 69 1.77 -9.23 -6.12
C THR A 69 3.12 -8.56 -6.35
N ALA A 70 4.00 -9.22 -7.10
CA ALA A 70 5.30 -8.65 -7.45
C ALA A 70 5.21 -8.05 -8.86
N SER A 71 5.91 -6.95 -9.10
CA SER A 71 5.97 -6.33 -10.43
C SER A 71 7.35 -5.77 -10.63
N SER A 72 7.75 -5.59 -11.89
CA SER A 72 9.11 -5.19 -12.19
C SER A 72 9.11 -3.99 -13.14
N ASP A 73 9.91 -2.95 -12.84
CA ASP A 73 10.04 -1.75 -13.69
C ASP A 73 11.49 -1.65 -14.10
N LYS A 74 11.80 -2.11 -15.32
CA LYS A 74 13.18 -2.08 -15.78
C LYS A 74 13.70 -0.66 -15.99
N ALA A 75 12.82 0.36 -16.18
CA ALA A 75 13.29 1.75 -16.34
C ALA A 75 13.93 2.24 -15.04
N LYS A 76 13.52 1.65 -13.90
CA LYS A 76 14.05 2.09 -12.61
C LYS A 76 14.93 1.02 -11.96
N ASN A 77 15.09 -0.16 -12.62
CA ASN A 77 15.72 -1.34 -12.00
C ASN A 77 15.08 -1.60 -10.63
N MET A 78 13.74 -1.61 -10.58
CA MET A 78 13.06 -1.80 -9.32
C MET A 78 12.06 -2.88 -9.43
N VAL A 79 11.89 -3.63 -8.34
CA VAL A 79 10.81 -4.60 -8.21
C VAL A 79 9.98 -4.18 -7.02
N TYR A 80 8.68 -4.33 -7.14
CA TYR A 80 7.76 -3.98 -6.09
C TYR A 80 7.07 -5.18 -5.56
N LEU A 81 6.67 -5.11 -4.29
CA LEU A 81 5.82 -6.14 -3.72
C LEU A 81 4.62 -5.40 -3.12
N GLN A 82 3.46 -5.50 -3.79
CA GLN A 82 2.22 -4.91 -3.27
C GLN A 82 1.66 -5.92 -2.30
N MET A 83 1.44 -5.52 -1.03
CA MET A 83 0.95 -6.44 -0.02
C MET A 83 -0.41 -5.97 0.48
N ASN A 84 -1.49 -6.67 0.09
CA ASN A 84 -2.81 -6.29 0.54
C ASN A 84 -3.32 -7.23 1.61
N SER A 85 -4.39 -6.84 2.30
CA SER A 85 -5.04 -7.69 3.29
C SER A 85 -4.02 -8.23 4.30
N LEU A 86 -3.18 -7.34 4.82
CA LEU A 86 -2.10 -7.76 5.71
C LEU A 86 -2.65 -8.31 7.02
N LYS A 87 -1.98 -9.35 7.54
CA LYS A 87 -2.38 -10.00 8.78
C LYS A 87 -1.26 -9.82 9.81
N PRO A 88 -1.57 -9.85 11.12
CA PRO A 88 -0.47 -9.74 12.12
C PRO A 88 0.67 -10.73 11.87
N GLU A 89 0.34 -11.95 11.45
CA GLU A 89 1.37 -12.98 11.21
C GLU A 89 2.31 -12.66 10.04
N ASP A 90 1.98 -11.65 9.24
CA ASP A 90 2.85 -11.20 8.14
C ASP A 90 3.99 -10.29 8.66
N THR A 91 3.96 -9.93 9.97
CA THR A 91 5.03 -9.18 10.61
C THR A 91 6.33 -9.93 10.42
N ALA A 92 7.38 -9.24 9.97
CA ALA A 92 8.70 -9.86 9.74
C ALA A 92 9.62 -8.83 9.15
N VAL A 93 10.92 -9.16 9.07
CA VAL A 93 11.85 -8.41 8.26
C VAL A 93 11.70 -9.00 6.83
N TYR A 94 11.53 -8.10 5.84
CA TYR A 94 11.40 -8.50 4.46
C TYR A 94 12.68 -8.13 3.71
N TYR A 95 13.20 -9.08 2.93
CA TYR A 95 14.43 -8.90 2.19
C TYR A 95 14.20 -9.13 0.73
N CYS A 96 14.89 -8.37 -0.11
CA CYS A 96 14.86 -8.76 -1.49
C CYS A 96 16.24 -9.35 -1.87
N ALA A 97 16.22 -10.21 -2.87
CA ALA A 97 17.40 -10.93 -3.32
C ALA A 97 17.33 -11.13 -4.82
N ALA A 98 18.48 -11.35 -5.47
CA ALA A 98 18.53 -11.52 -6.91
C ALA A 98 19.29 -12.76 -7.25
N VAL A 99 18.89 -13.43 -8.32
CA VAL A 99 19.60 -14.63 -8.80
C VAL A 99 19.59 -14.61 -10.32
N ASN A 100 20.68 -15.06 -10.96
CA ASN A 100 20.71 -15.11 -12.42
C ASN A 100 19.51 -15.97 -12.90
N ALA A 101 18.74 -15.43 -13.86
CA ALA A 101 17.53 -16.07 -14.35
C ALA A 101 17.71 -16.95 -15.56
N GLN A 102 18.95 -17.06 -16.06
CA GLN A 102 19.17 -17.89 -17.24
C GLN A 102 18.91 -19.35 -16.92
N GLY A 103 18.03 -19.98 -17.68
CA GLY A 103 17.74 -21.40 -17.53
C GLY A 103 16.74 -21.76 -16.45
N ILE A 104 16.13 -20.75 -15.80
CA ILE A 104 15.15 -21.02 -14.74
C ILE A 104 13.86 -20.29 -15.03
N TYR A 105 12.81 -20.69 -14.33
CA TYR A 105 11.57 -19.95 -14.23
C TYR A 105 11.14 -19.97 -12.75
N CYS A 106 10.35 -18.97 -12.34
CA CYS A 106 9.95 -18.85 -10.94
C CYS A 106 9.14 -20.00 -10.40
N THR A 107 9.60 -20.60 -9.27
CA THR A 107 8.89 -21.64 -8.56
C THR A 107 9.27 -21.54 -7.08
N ASP A 108 8.68 -22.41 -6.26
CA ASP A 108 9.02 -22.52 -4.84
C ASP A 108 10.47 -22.91 -4.65
N TYR A 109 11.02 -23.76 -5.56
CA TYR A 109 12.41 -24.19 -5.44
C TYR A 109 13.35 -22.98 -5.59
N ILE A 110 13.07 -22.08 -6.57
CA ILE A 110 13.94 -20.92 -6.80
C ILE A 110 14.03 -20.05 -5.55
N ILE A 111 12.90 -19.85 -4.86
CA ILE A 111 12.88 -19.05 -3.64
C ILE A 111 13.01 -19.87 -2.37
N GLY A 112 13.48 -21.10 -2.53
CA GLY A 112 13.66 -22.02 -1.43
C GLY A 112 15.10 -22.48 -1.38
N PRO A 113 15.36 -23.75 -1.71
CA PRO A 113 16.72 -24.28 -1.57
C PRO A 113 17.70 -23.94 -2.68
N TYR A 114 17.24 -23.32 -3.80
CA TYR A 114 18.13 -22.98 -4.89
C TYR A 114 19.26 -22.05 -4.50
N GLY A 115 18.93 -21.03 -3.72
CA GLY A 115 19.90 -20.03 -3.29
C GLY A 115 19.80 -18.79 -4.15
N MET A 116 20.27 -17.65 -3.61
CA MET A 116 20.29 -16.40 -4.34
C MET A 116 21.71 -15.93 -4.52
N ASP A 117 21.95 -15.05 -5.48
CA ASP A 117 23.28 -14.51 -5.71
C ASP A 117 23.58 -13.26 -4.89
N TYR A 118 22.58 -12.37 -4.71
CA TYR A 118 22.76 -11.12 -3.99
C TYR A 118 21.60 -10.90 -3.06
N TRP A 119 21.87 -10.28 -1.90
CA TRP A 119 20.86 -10.00 -0.90
C TRP A 119 20.84 -8.55 -0.50
N GLY A 120 19.65 -8.05 -0.18
CA GLY A 120 19.51 -6.76 0.46
C GLY A 120 19.63 -6.91 1.98
N LYS A 121 19.53 -5.81 2.71
CA LYS A 121 19.70 -5.76 4.18
C LYS A 121 18.39 -5.91 4.95
N GLY A 122 17.28 -5.76 4.26
CA GLY A 122 15.95 -5.94 4.87
C GLY A 122 15.25 -4.67 5.31
N THR A 123 13.91 -4.74 5.38
CA THR A 123 13.06 -3.63 5.86
C THR A 123 12.04 -4.27 6.81
N GLN A 124 11.76 -3.61 7.95
CA GLN A 124 10.81 -4.15 8.90
C GLN A 124 9.37 -3.86 8.48
N VAL A 125 8.51 -4.89 8.55
CA VAL A 125 7.06 -4.77 8.35
C VAL A 125 6.41 -5.23 9.64
N THR A 126 5.56 -4.41 10.25
CA THR A 126 4.82 -4.80 11.43
C THR A 126 3.34 -4.60 11.15
N VAL A 127 2.52 -5.62 11.39
CA VAL A 127 1.08 -5.51 11.16
C VAL A 127 0.44 -5.64 12.51
N SER A 128 -0.35 -4.64 12.89
CA SER A 128 -0.91 -4.53 14.22
C SER A 128 -2.39 -4.46 14.23
N SER A 129 -2.99 -5.08 15.25
CA SER A 129 -4.42 -5.02 15.51
C SER A 129 -4.77 -3.66 16.15
N HIS A 130 -3.74 -2.91 16.64
CA HIS A 130 -3.89 -1.62 17.32
C HIS A 130 -2.75 -0.67 16.89
N HIS A 131 -2.64 -0.40 15.59
CA HIS A 131 -1.56 0.43 15.04
C HIS A 131 -1.47 1.82 15.69
N HIS A 132 -2.65 2.39 16.07
CA HIS A 132 -2.80 3.70 16.68
C HIS A 132 -2.03 3.84 18.00
N HIS A 133 -1.72 2.71 18.68
CA HIS A 133 -0.94 2.72 19.92
C HIS A 133 0.54 3.05 19.70
N HIS A 134 1.00 3.07 18.42
CA HIS A 134 2.42 3.28 18.15
C HIS A 134 2.82 4.56 17.43
N HIS A 135 1.86 5.46 17.14
CA HIS A 135 2.11 6.73 16.46
C HIS A 135 0.89 7.66 16.52
N GLN B 1 -29.70 4.28 10.80
CA GLN B 1 -28.41 4.64 11.37
C GLN B 1 -27.29 4.29 10.41
N VAL B 2 -26.35 5.22 10.26
CA VAL B 2 -25.22 5.04 9.34
C VAL B 2 -23.93 5.36 10.03
N GLN B 3 -22.83 4.82 9.52
CA GLN B 3 -21.52 5.16 10.07
C GLN B 3 -20.46 4.95 9.02
N LEU B 4 -19.53 5.86 8.93
CA LEU B 4 -18.38 5.75 8.04
C LEU B 4 -17.22 5.27 8.89
N VAL B 5 -16.54 4.19 8.48
CA VAL B 5 -15.45 3.63 9.29
C VAL B 5 -14.19 3.54 8.43
N GLU B 6 -13.15 4.29 8.83
CA GLU B 6 -11.86 4.25 8.12
C GLU B 6 -10.98 3.17 8.69
N SER B 7 -10.14 2.59 7.84
CA SER B 7 -9.10 1.68 8.30
C SER B 7 -7.92 1.76 7.33
N GLY B 8 -6.79 1.18 7.73
CA GLY B 8 -5.64 1.11 6.83
C GLY B 8 -4.50 2.04 7.13
N GLY B 9 -4.65 2.87 8.16
CA GLY B 9 -3.59 3.80 8.52
C GLY B 9 -2.35 3.11 9.05
N GLY B 10 -1.30 3.89 9.25
CA GLY B 10 -0.06 3.34 9.74
C GLY B 10 1.07 4.34 9.72
N LEU B 11 2.26 3.85 10.02
CA LEU B 11 3.48 4.64 10.07
C LEU B 11 4.37 4.02 9.00
N VAL B 12 4.72 4.77 7.99
CA VAL B 12 5.41 4.21 6.85
C VAL B 12 6.61 5.02 6.48
N GLN B 13 7.60 4.34 5.88
CA GLN B 13 8.77 5.00 5.38
C GLN B 13 8.41 5.97 4.22
N ALA B 14 9.02 7.16 4.21
CA ALA B 14 8.84 8.11 3.10
C ALA B 14 9.13 7.38 1.76
N GLY B 15 8.24 7.60 0.79
CA GLY B 15 8.31 6.95 -0.50
C GLY B 15 7.44 5.71 -0.58
N GLY B 16 6.98 5.22 0.59
CA GLY B 16 6.16 4.03 0.66
C GLY B 16 4.70 4.30 0.35
N SER B 17 3.86 3.29 0.54
CA SER B 17 2.45 3.34 0.23
C SER B 17 1.59 2.84 1.35
N LEU B 18 0.33 3.26 1.32
CA LEU B 18 -0.70 2.75 2.22
C LEU B 18 -2.00 2.66 1.39
N ARG B 19 -2.99 1.92 1.86
CA ARG B 19 -4.30 1.93 1.22
C ARG B 19 -5.31 2.11 2.32
N LEU B 20 -6.02 3.22 2.30
CA LEU B 20 -7.07 3.44 3.29
C LEU B 20 -8.37 2.88 2.76
N SER B 21 -9.21 2.36 3.66
CA SER B 21 -10.54 1.88 3.31
C SER B 21 -11.58 2.65 4.10
N CYS B 22 -12.74 2.87 3.50
CA CYS B 22 -13.83 3.52 4.21
C CYS B 22 -15.07 2.68 3.98
N ALA B 23 -15.60 2.10 5.06
CA ALA B 23 -16.84 1.33 4.99
C ALA B 23 -17.99 2.30 5.20
N ALA B 24 -18.91 2.36 4.22
CA ALA B 24 -20.06 3.26 4.33
C ALA B 24 -21.21 2.39 4.86
N SER B 25 -21.19 2.14 6.15
CA SER B 25 -22.10 1.22 6.80
C SER B 25 -23.51 1.79 6.90
N GLY B 26 -24.46 1.15 6.22
CA GLY B 26 -25.86 1.56 6.25
C GLY B 26 -26.26 2.56 5.21
N PHE B 27 -25.31 3.01 4.38
CA PHE B 27 -25.62 4.06 3.40
C PHE B 27 -26.28 3.55 2.12
N THR B 28 -27.18 4.39 1.52
CA THR B 28 -27.66 4.15 0.15
C THR B 28 -26.46 4.64 -0.68
N PHE B 29 -25.57 3.71 -0.92
CA PHE B 29 -24.24 3.98 -1.41
C PHE B 29 -24.13 4.92 -2.61
N GLU B 30 -24.90 4.60 -3.64
CA GLU B 30 -24.86 5.34 -4.89
C GLU B 30 -25.38 6.76 -4.82
N ASP B 31 -26.03 7.14 -3.72
CA ASP B 31 -26.52 8.51 -3.57
C ASP B 31 -25.40 9.48 -3.20
N TYR B 32 -24.20 8.99 -2.86
CA TYR B 32 -23.17 9.82 -2.31
C TYR B 32 -21.90 9.96 -3.08
N ALA B 33 -21.25 11.10 -2.85
CA ALA B 33 -19.87 11.25 -3.25
C ALA B 33 -19.13 11.08 -1.92
N ILE B 34 -18.00 10.38 -1.96
CA ILE B 34 -17.17 10.18 -0.78
C ILE B 34 -15.91 10.98 -0.95
N GLY B 35 -15.60 11.79 0.03
CA GLY B 35 -14.37 12.55 0.03
C GLY B 35 -13.41 12.01 1.07
N TRP B 36 -12.12 12.10 0.80
CA TRP B 36 -11.11 11.85 1.78
C TRP B 36 -10.57 13.21 2.14
N PHE B 37 -10.37 13.43 3.42
CA PHE B 37 -9.85 14.66 3.97
C PHE B 37 -8.74 14.33 4.91
N ARG B 38 -7.90 15.29 5.19
CA ARG B 38 -6.85 15.10 6.14
C ARG B 38 -6.70 16.32 7.00
N GLN B 39 -6.30 16.10 8.22
CA GLN B 39 -6.15 17.17 9.17
C GLN B 39 -4.87 16.99 9.96
N ALA B 40 -4.04 18.03 9.93
CA ALA B 40 -2.84 18.13 10.74
C ALA B 40 -3.23 18.90 12.03
N PRO B 41 -2.60 18.60 13.19
CA PRO B 41 -2.98 19.29 14.45
C PRO B 41 -2.85 20.80 14.37
N GLY B 42 -3.94 21.49 14.64
CA GLY B 42 -3.98 22.95 14.63
C GLY B 42 -4.49 23.55 13.33
N LYS B 43 -4.69 22.72 12.29
CA LYS B 43 -5.20 23.15 10.99
C LYS B 43 -6.59 22.61 10.70
N GLU B 44 -7.29 23.21 9.73
CA GLU B 44 -8.61 22.82 9.26
C GLU B 44 -8.47 21.56 8.40
N ARG B 45 -9.57 20.79 8.29
CA ARG B 45 -9.59 19.61 7.42
C ARG B 45 -9.51 20.05 5.96
N GLU B 46 -8.64 19.42 5.16
CA GLU B 46 -8.48 19.75 3.74
C GLU B 46 -8.76 18.51 2.90
N GLY B 47 -9.47 18.71 1.81
CA GLY B 47 -9.86 17.64 0.91
C GLY B 47 -8.69 17.11 0.11
N VAL B 48 -8.56 15.78 0.05
CA VAL B 48 -7.52 15.15 -0.76
C VAL B 48 -8.07 14.34 -1.92
N SER B 49 -9.33 13.95 -1.84
CA SER B 49 -9.93 13.22 -2.97
C SER B 49 -11.42 13.28 -2.92
N CYS B 50 -12.05 13.12 -4.07
CA CYS B 50 -13.50 13.02 -4.22
C CYS B 50 -13.73 11.87 -5.18
N ILE B 51 -14.74 11.05 -4.89
CA ILE B 51 -15.19 10.02 -5.80
C ILE B 51 -16.72 9.98 -5.74
N SER B 52 -17.37 10.01 -6.90
CA SER B 52 -18.82 9.88 -6.91
C SER B 52 -19.16 8.41 -7.05
N ASN B 53 -19.96 7.86 -6.09
CA ASN B 53 -20.33 6.45 -6.12
C ASN B 53 -21.32 6.11 -7.22
N LEU B 54 -21.94 7.14 -7.80
CA LEU B 54 -22.94 6.96 -8.86
C LEU B 54 -22.28 6.72 -10.20
N ASP B 55 -21.66 7.77 -10.77
CA ASP B 55 -21.00 7.67 -12.07
C ASP B 55 -19.60 7.14 -11.95
N GLY B 56 -18.80 7.79 -11.11
CA GLY B 56 -17.41 7.41 -10.97
C GLY B 56 -16.46 8.56 -11.19
N SER B 57 -16.97 9.82 -11.25
CA SER B 57 -16.09 10.99 -11.40
C SER B 57 -15.18 11.11 -10.18
N THR B 58 -13.97 11.64 -10.38
CA THR B 58 -13.01 11.85 -9.29
C THR B 58 -12.38 13.22 -9.41
N TYR B 59 -11.85 13.70 -8.29
CA TYR B 59 -11.12 14.96 -8.23
C TYR B 59 -10.03 14.85 -7.20
N TYR B 60 -8.86 15.45 -7.49
CA TYR B 60 -7.75 15.49 -6.56
C TYR B 60 -7.09 16.84 -6.63
N PRO B 61 -6.72 17.43 -5.48
CA PRO B 61 -5.93 18.67 -5.54
C PRO B 61 -4.52 18.36 -6.05
N ASP B 62 -3.82 19.41 -6.55
CA ASP B 62 -2.48 19.23 -7.09
C ASP B 62 -1.46 18.64 -6.14
N SER B 63 -1.65 18.84 -4.83
CA SER B 63 -0.75 18.33 -3.79
C SER B 63 -0.63 16.80 -3.83
N VAL B 64 -1.68 16.09 -4.27
CA VAL B 64 -1.70 14.62 -4.25
C VAL B 64 -1.99 13.99 -5.60
N LYS B 65 -2.43 14.80 -6.60
CA LYS B 65 -2.75 14.26 -7.91
C LYS B 65 -1.58 13.43 -8.47
N GLY B 66 -1.88 12.22 -8.95
CA GLY B 66 -0.87 11.28 -9.44
C GLY B 66 -0.34 10.32 -8.40
N ARG B 67 -0.35 10.73 -7.13
CA ARG B 67 0.14 9.88 -6.03
C ARG B 67 -1.02 9.15 -5.38
N PHE B 68 -2.17 9.80 -5.23
CA PHE B 68 -3.31 9.18 -4.55
C PHE B 68 -4.40 8.87 -5.56
N THR B 69 -5.03 7.71 -5.42
CA THR B 69 -6.12 7.31 -6.29
C THR B 69 -7.27 6.79 -5.46
N ALA B 70 -8.47 7.34 -5.67
CA ALA B 70 -9.66 6.86 -4.98
C ALA B 70 -10.38 5.85 -5.87
N SER B 71 -11.03 4.85 -5.26
CA SER B 71 -11.83 3.88 -6.02
C SER B 71 -13.03 3.50 -5.13
N SER B 72 -14.09 3.00 -5.76
CA SER B 72 -15.32 2.71 -5.08
C SER B 72 -15.82 1.34 -5.49
N ASP B 73 -16.26 0.52 -4.50
CA ASP B 73 -16.83 -0.80 -4.78
C ASP B 73 -18.21 -0.84 -4.18
N LYS B 74 -19.22 -0.61 -5.04
CA LYS B 74 -20.61 -0.59 -4.60
C LYS B 74 -21.09 -1.89 -4.01
N ALA B 75 -20.53 -2.99 -4.49
CA ALA B 75 -20.93 -4.32 -4.00
C ALA B 75 -20.57 -4.51 -2.54
N LYS B 76 -19.54 -3.79 -2.07
CA LYS B 76 -19.07 -3.95 -0.70
C LYS B 76 -19.39 -2.75 0.17
N ASN B 77 -20.05 -1.72 -0.39
CA ASN B 77 -20.30 -0.44 0.31
C ASN B 77 -18.94 0.14 0.80
N MET B 78 -17.89 0.08 -0.05
CA MET B 78 -16.58 0.53 0.38
C MET B 78 -15.95 1.47 -0.60
N VAL B 79 -15.19 2.46 -0.08
CA VAL B 79 -14.35 3.36 -0.87
C VAL B 79 -12.90 3.19 -0.41
N TYR B 80 -11.96 3.30 -1.33
CA TYR B 80 -10.53 3.14 -1.00
C TYR B 80 -9.74 4.35 -1.42
N LEU B 81 -8.61 4.57 -0.73
CA LEU B 81 -7.65 5.59 -1.14
C LEU B 81 -6.29 4.93 -1.20
N GLN B 82 -5.78 4.70 -2.40
CA GLN B 82 -4.43 4.17 -2.57
C GLN B 82 -3.48 5.36 -2.49
N MET B 83 -2.52 5.36 -1.57
CA MET B 83 -1.60 6.45 -1.39
C MET B 83 -0.19 6.01 -1.70
N ASN B 84 0.35 6.45 -2.84
CA ASN B 84 1.72 6.05 -3.19
C ASN B 84 2.66 7.22 -3.01
N SER B 85 3.97 6.95 -3.04
CA SER B 85 5.00 7.98 -2.95
C SER B 85 4.72 8.94 -1.77
N LEU B 86 4.46 8.35 -0.60
CA LEU B 86 4.13 9.14 0.57
C LEU B 86 5.27 10.04 1.00
N LYS B 87 4.93 11.25 1.46
CA LYS B 87 5.92 12.24 1.89
C LYS B 87 5.68 12.58 3.35
N PRO B 88 6.70 13.04 4.11
CA PRO B 88 6.46 13.42 5.52
C PRO B 88 5.29 14.39 5.68
N GLU B 89 5.13 15.34 4.74
CA GLU B 89 4.06 16.34 4.82
C GLU B 89 2.66 15.76 4.67
N ASP B 90 2.56 14.47 4.28
CA ASP B 90 1.27 13.78 4.16
C ASP B 90 0.81 13.27 5.54
N THR B 91 1.66 13.40 6.57
CA THR B 91 1.30 12.98 7.93
C THR B 91 0.07 13.77 8.36
N ALA B 92 -0.97 13.06 8.86
CA ALA B 92 -2.19 13.69 9.30
C ALA B 92 -3.18 12.62 9.68
N VAL B 93 -4.30 13.02 10.29
CA VAL B 93 -5.42 12.13 10.48
C VAL B 93 -6.23 12.22 9.19
N TYR B 94 -6.57 11.06 8.61
CA TYR B 94 -7.35 10.99 7.38
C TYR B 94 -8.77 10.58 7.71
N TYR B 95 -9.73 11.29 7.15
CA TYR B 95 -11.13 11.01 7.37
C TYR B 95 -11.83 10.78 6.10
N CYS B 96 -12.79 9.84 6.07
N CYS B 96 -12.82 9.93 6.21
CA CYS B 96 -13.66 9.80 4.90
CA CYS B 96 -13.75 9.66 5.17
C CYS B 96 -14.96 10.48 5.33
C CYS B 96 -14.97 10.57 5.45
N ALA B 97 -15.60 11.10 4.39
CA ALA B 97 -16.81 11.92 4.56
C ALA B 97 -17.69 11.68 3.36
N ALA B 98 -19.01 11.80 3.55
CA ALA B 98 -19.97 11.57 2.48
C ALA B 98 -20.84 12.76 2.32
N VAL B 99 -21.24 13.04 1.08
CA VAL B 99 -22.14 14.15 0.80
C VAL B 99 -23.06 13.72 -0.33
N ASN B 100 -24.34 14.14 -0.29
CA ASN B 100 -25.27 13.82 -1.36
C ASN B 100 -24.68 14.32 -2.70
N ALA B 101 -24.54 13.44 -3.70
CA ALA B 101 -23.92 13.78 -4.99
C ALA B 101 -24.59 14.95 -5.74
N GLN B 102 -25.94 15.08 -5.63
CA GLN B 102 -26.76 16.13 -6.25
C GLN B 102 -26.53 16.28 -7.75
N CYS B 106 -17.56 15.32 -9.21
CA CYS B 106 -16.46 15.66 -8.32
C CYS B 106 -15.63 16.83 -8.79
N THR B 107 -15.42 17.80 -7.89
CA THR B 107 -14.60 19.02 -8.05
C THR B 107 -14.13 19.47 -6.66
N ASP B 108 -13.22 20.47 -6.60
CA ASP B 108 -12.69 21.07 -5.36
C ASP B 108 -13.78 21.65 -4.47
N TYR B 109 -14.85 22.20 -5.08
CA TYR B 109 -15.98 22.77 -4.34
C TYR B 109 -16.70 21.67 -3.53
N ILE B 110 -16.88 20.48 -4.12
CA ILE B 110 -17.53 19.33 -3.47
C ILE B 110 -16.79 18.94 -2.18
N ILE B 111 -15.45 18.97 -2.21
CA ILE B 111 -14.62 18.63 -1.05
C ILE B 111 -14.20 19.80 -0.17
N GLY B 112 -15.21 20.64 0.12
CA GLY B 112 -15.11 21.69 1.13
C GLY B 112 -15.46 20.97 2.42
N PRO B 113 -14.74 21.12 3.56
CA PRO B 113 -15.10 20.29 4.73
C PRO B 113 -16.38 20.68 5.42
N TYR B 114 -16.85 21.92 5.23
CA TYR B 114 -18.06 22.30 5.93
C TYR B 114 -19.35 21.84 5.26
N GLY B 115 -19.23 21.45 4.00
CA GLY B 115 -20.36 20.99 3.20
C GLY B 115 -20.64 19.50 3.22
N MET B 116 -19.86 18.70 3.96
CA MET B 116 -20.11 17.26 3.99
C MET B 116 -21.27 16.90 4.91
N ASP B 117 -21.97 15.79 4.60
CA ASP B 117 -23.13 15.33 5.38
C ASP B 117 -22.74 14.39 6.54
N TYR B 118 -21.75 13.51 6.32
CA TYR B 118 -21.37 12.54 7.33
C TYR B 118 -19.87 12.43 7.40
N TRP B 119 -19.34 12.16 8.60
CA TRP B 119 -17.91 12.01 8.83
C TRP B 119 -17.58 10.74 9.55
N GLY B 120 -16.43 10.17 9.20
CA GLY B 120 -15.89 9.07 9.98
C GLY B 120 -15.11 9.59 11.17
N LYS B 121 -14.48 8.67 11.92
CA LYS B 121 -13.70 8.98 13.13
C LYS B 121 -12.23 9.27 12.84
N GLY B 122 -11.76 8.86 11.65
CA GLY B 122 -10.39 9.13 11.22
C GLY B 122 -9.43 7.99 11.46
N THR B 123 -8.36 7.97 10.67
CA THR B 123 -7.27 6.98 10.81
C THR B 123 -5.96 7.77 10.72
N GLN B 124 -4.99 7.49 11.60
CA GLN B 124 -3.74 8.22 11.59
C GLN B 124 -2.81 7.67 10.51
N VAL B 125 -2.19 8.60 9.76
CA VAL B 125 -1.15 8.27 8.80
C VAL B 125 0.08 9.05 9.21
N THR B 126 1.22 8.37 9.42
CA THR B 126 2.47 9.06 9.75
C THR B 126 3.50 8.62 8.76
N VAL B 127 4.21 9.60 8.15
CA VAL B 127 5.23 9.27 7.17
C VAL B 127 6.56 9.77 7.71
N SER B 128 7.53 8.86 7.89
CA SER B 128 8.85 9.21 8.44
C SER B 128 9.68 10.05 7.46
N SER B 129 10.65 10.82 7.99
CA SER B 129 11.54 11.65 7.17
C SER B 129 12.71 10.82 6.64
#